data_9RT6
#
_entry.id   9RT6
#
_cell.length_a   21.764
_cell.length_b   38.411
_cell.length_c   87.743
_cell.angle_alpha   90
_cell.angle_beta   91.23
_cell.angle_gamma   90
#
_symmetry.space_group_name_H-M   'P 1 21 1'
#
loop_
_entity.id
_entity.type
_entity.pdbx_description
1 polymer Schistosomin
2 non-polymer BIOTIN
3 non-polymer 'SULFATE ION'
4 water water
#
_entity_poly.entity_id   1
_entity_poly.type   'polypeptide(L)'
_entity_poly.pdbx_seq_one_letter_code
;DNYRCPNPGDAFECFESDATARFCVSGKRGAYVICSKCRRKYEFCANGAKVSKRPEVECRADWASTECTSENSDVPSVMK
(NH2)
;
_entity_poly.pdbx_strand_id   A,B
#
# COMPACT_ATOMS: atom_id res chain seq x y z
N ASN A 2 -13.90 3.19 -12.98
CA ASN A 2 -13.55 1.80 -13.28
C ASN A 2 -14.00 0.91 -12.15
N TYR A 3 -14.66 -0.19 -12.51
CA TYR A 3 -15.21 -1.11 -11.52
C TYR A 3 -15.21 -2.56 -11.97
N ARG A 4 -14.91 -2.83 -13.25
CA ARG A 4 -14.93 -4.17 -13.81
C ARG A 4 -13.54 -4.83 -13.57
N CYS A 5 -13.54 -6.13 -13.27
CA CYS A 5 -12.29 -6.87 -13.14
C CYS A 5 -11.53 -6.86 -14.47
N PRO A 6 -10.22 -6.66 -14.46
CA PRO A 6 -9.47 -6.72 -15.72
C PRO A 6 -9.42 -8.16 -16.25
N ASN A 7 -9.18 -8.27 -17.54
CA ASN A 7 -9.07 -9.52 -18.24
C ASN A 7 -7.64 -10.02 -18.18
N PRO A 8 -7.42 -11.33 -18.37
CA PRO A 8 -6.06 -11.87 -18.44
C PRO A 8 -5.17 -11.09 -19.42
N GLY A 9 -4.00 -10.68 -18.96
CA GLY A 9 -3.09 -9.90 -19.80
C GLY A 9 -3.22 -8.40 -19.66
N ASP A 10 -4.32 -7.94 -19.05
CA ASP A 10 -4.52 -6.51 -18.84
C ASP A 10 -3.80 -6.14 -17.57
N ALA A 11 -3.29 -4.90 -17.54
CA ALA A 11 -2.59 -4.40 -16.38
C ALA A 11 -3.63 -4.23 -15.24
N PHE A 12 -3.23 -4.54 -13.99
CA PHE A 12 -4.12 -4.35 -12.86
C PHE A 12 -3.77 -2.99 -12.30
N GLU A 13 -4.58 -1.97 -12.63
CA GLU A 13 -4.32 -0.59 -12.26
C GLU A 13 -5.33 -0.13 -11.23
N CYS A 14 -4.84 0.26 -10.07
CA CYS A 14 -5.71 0.57 -8.95
C CYS A 14 -5.13 1.69 -8.11
N PHE A 15 -5.94 2.72 -7.80
CA PHE A 15 -5.51 3.77 -6.90
C PHE A 15 -5.73 3.31 -5.43
N GLU A 16 -4.62 3.02 -4.72
CA GLU A 16 -4.71 2.60 -3.32
C GLU A 16 -5.07 3.79 -2.44
N SER A 17 -6.11 3.63 -1.60
CA SER A 17 -6.46 4.67 -0.64
C SER A 17 -6.30 4.22 0.79
N ASP A 18 -5.96 2.94 1.06
CA ASP A 18 -5.89 2.42 2.42
C ASP A 18 -5.05 1.15 2.42
N ALA A 19 -3.73 1.36 2.25
CA ALA A 19 -2.75 0.32 2.14
C ALA A 19 -2.63 -0.57 3.38
N THR A 20 -2.86 -0.02 4.56
CA THR A 20 -2.75 -0.76 5.82
C THR A 20 -4.08 -1.37 6.31
N ALA A 21 -5.19 -1.24 5.53
CA ALA A 21 -6.45 -1.86 5.95
C ALA A 21 -6.34 -3.37 5.83
N ARG A 22 -6.71 -4.09 6.86
CA ARG A 22 -6.68 -5.56 6.87
C ARG A 22 -8.05 -6.06 6.42
N PHE A 23 -8.09 -7.14 5.62
CA PHE A 23 -9.32 -7.77 5.16
C PHE A 23 -9.17 -9.30 5.25
N CYS A 24 -10.13 -10.01 5.85
CA CYS A 24 -10.14 -11.47 5.88
C CYS A 24 -10.94 -11.83 4.64
N VAL A 25 -10.31 -12.42 3.62
CA VAL A 25 -11.04 -12.76 2.40
C VAL A 25 -11.21 -14.25 2.32
N SER A 26 -12.23 -14.70 1.56
CA SER A 26 -12.55 -16.11 1.47
C SER A 26 -13.05 -16.45 0.08
N GLY A 27 -12.28 -17.31 -0.61
CA GLY A 27 -12.50 -17.69 -1.98
C GLY A 27 -11.91 -19.04 -2.34
N LYS A 28 -11.52 -19.25 -3.63
CA LYS A 28 -11.03 -20.55 -4.07
C LYS A 28 -9.72 -21.01 -3.48
N ARG A 29 -8.90 -20.10 -2.91
CA ARG A 29 -7.67 -20.53 -2.24
C ARG A 29 -7.86 -20.65 -0.69
N GLY A 30 -9.12 -20.54 -0.21
CA GLY A 30 -9.52 -20.62 1.20
C GLY A 30 -9.70 -19.26 1.84
N ALA A 31 -9.61 -19.16 3.16
CA ALA A 31 -9.71 -17.86 3.84
C ALA A 31 -8.38 -17.45 4.43
N TYR A 32 -8.03 -16.17 4.26
CA TYR A 32 -6.76 -15.61 4.75
C TYR A 32 -6.86 -14.11 4.84
N VAL A 33 -5.91 -13.48 5.55
CA VAL A 33 -5.86 -12.05 5.68
C VAL A 33 -4.94 -11.41 4.66
N ILE A 34 -5.43 -10.32 4.03
CA ILE A 34 -4.65 -9.53 3.12
C ILE A 34 -4.64 -8.08 3.63
N CYS A 35 -3.75 -7.25 3.06
CA CYS A 35 -3.72 -5.84 3.38
C CYS A 35 -3.89 -5.04 2.11
N SER A 36 -4.65 -3.92 2.20
CA SER A 36 -4.89 -2.92 1.15
C SER A 36 -6.15 -3.16 0.32
N LYS A 37 -6.76 -2.09 -0.14
CA LYS A 37 -7.98 -2.18 -0.97
C LYS A 37 -7.68 -2.74 -2.35
N CYS A 38 -6.48 -2.45 -2.90
CA CYS A 38 -6.12 -2.98 -4.21
C CYS A 38 -5.93 -4.49 -4.20
N ARG A 39 -5.33 -5.06 -3.13
CA ARG A 39 -5.18 -6.52 -2.99
C ARG A 39 -6.58 -7.15 -2.69
N ARG A 40 -7.47 -6.40 -2.04
CA ARG A 40 -8.83 -6.86 -1.77
C ARG A 40 -9.59 -7.01 -3.13
N LYS A 41 -9.41 -6.02 -4.03
CA LYS A 41 -10.00 -6.04 -5.35
C LYS A 41 -9.40 -7.20 -6.16
N TYR A 42 -8.07 -7.36 -6.11
CA TYR A 42 -7.41 -8.44 -6.79
C TYR A 42 -7.90 -9.82 -6.33
N GLU A 43 -8.06 -10.04 -5.02
CA GLU A 43 -8.51 -11.33 -4.51
C GLU A 43 -9.91 -11.69 -5.04
N PHE A 44 -10.77 -10.69 -5.21
CA PHE A 44 -12.11 -10.88 -5.74
C PHE A 44 -12.02 -11.33 -7.20
N CYS A 45 -11.29 -10.59 -8.05
CA CYS A 45 -11.18 -10.89 -9.47
C CYS A 45 -10.47 -12.22 -9.76
N ALA A 46 -9.38 -12.48 -9.05
CA ALA A 46 -8.56 -13.65 -9.28
C ALA A 46 -9.03 -14.90 -8.55
N ASN A 47 -9.39 -14.77 -7.28
CA ASN A 47 -9.72 -15.95 -6.46
C ASN A 47 -11.19 -16.08 -6.08
N GLY A 48 -12.04 -15.15 -6.53
CA GLY A 48 -13.44 -15.13 -6.11
C GLY A 48 -13.55 -14.91 -4.60
N ALA A 49 -12.50 -14.36 -3.97
CA ALA A 49 -12.40 -14.14 -2.56
C ALA A 49 -13.11 -12.86 -2.17
N LYS A 50 -14.13 -13.02 -1.36
CA LYS A 50 -14.94 -11.93 -0.88
C LYS A 50 -14.56 -11.65 0.57
N VAL A 51 -14.79 -10.41 1.01
CA VAL A 51 -14.51 -10.02 2.37
C VAL A 51 -15.48 -10.79 3.26
N SER A 52 -14.94 -11.54 4.19
CA SER A 52 -15.75 -12.38 5.07
C SER A 52 -16.75 -11.59 5.90
N LYS A 53 -17.98 -12.11 6.05
CA LYS A 53 -19.00 -11.52 6.96
C LYS A 53 -18.80 -12.03 8.41
N ARG A 54 -17.88 -12.99 8.60
CA ARG A 54 -17.50 -13.67 9.83
C ARG A 54 -15.95 -13.80 9.86
N PRO A 55 -15.20 -12.69 9.76
CA PRO A 55 -13.74 -12.78 9.72
C PRO A 55 -13.09 -13.49 10.89
N GLU A 56 -13.62 -13.34 12.11
CA GLU A 56 -13.03 -14.01 13.28
C GLU A 56 -13.26 -15.54 13.24
N VAL A 57 -14.25 -16.00 12.49
CA VAL A 57 -14.54 -17.41 12.37
C VAL A 57 -13.68 -17.97 11.23
N GLU A 58 -13.69 -17.30 10.07
CA GLU A 58 -13.00 -17.80 8.89
C GLU A 58 -11.48 -17.58 8.89
N CYS A 59 -11.00 -16.55 9.59
CA CYS A 59 -9.57 -16.28 9.64
C CYS A 59 -8.94 -16.61 11.01
N ARG A 60 -8.88 -15.65 11.91
CA ARG A 60 -8.32 -15.74 13.27
C ARG A 60 -8.98 -14.62 14.07
N ALA A 61 -9.08 -14.78 15.40
CA ALA A 61 -9.66 -13.73 16.24
C ALA A 61 -8.89 -12.40 16.09
N ASP A 62 -7.54 -12.49 15.99
CA ASP A 62 -6.64 -11.34 15.83
C ASP A 62 -6.42 -10.95 14.36
N TRP A 63 -7.34 -11.29 13.45
CA TRP A 63 -7.17 -10.98 12.02
C TRP A 63 -6.82 -9.51 11.73
N ALA A 64 -7.44 -8.55 12.47
CA ALA A 64 -7.23 -7.13 12.18
C ALA A 64 -5.85 -6.59 12.60
N SER A 65 -5.12 -7.35 13.43
CA SER A 65 -3.78 -6.96 13.89
C SER A 65 -2.66 -7.57 13.05
N THR A 66 -2.99 -8.49 12.11
CA THR A 66 -2.03 -9.16 11.21
C THR A 66 -1.04 -8.15 10.60
N GLU A 67 0.26 -8.47 10.68
CA GLU A 67 1.28 -7.57 10.14
C GLU A 67 1.16 -7.54 8.61
N CYS A 68 1.12 -6.36 7.99
CA CYS A 68 1.06 -6.27 6.54
C CYS A 68 2.47 -6.49 5.99
N THR A 69 2.58 -7.41 5.06
CA THR A 69 3.83 -7.77 4.40
C THR A 69 3.65 -7.72 2.88
N SER A 70 4.77 -7.78 2.14
CA SER A 70 4.84 -7.88 0.69
C SER A 70 3.96 -9.04 0.19
N GLU A 71 4.07 -10.21 0.84
CA GLU A 71 3.28 -11.37 0.49
C GLU A 71 1.77 -11.16 0.59
N ASN A 72 1.24 -10.59 1.70
CA ASN A 72 -0.23 -10.43 1.83
C ASN A 72 -0.76 -9.09 1.33
N SER A 73 0.12 -8.24 0.78
CA SER A 73 -0.28 -6.93 0.32
C SER A 73 -0.13 -6.73 -1.17
N ASP A 74 0.94 -7.29 -1.77
CA ASP A 74 1.27 -7.04 -3.16
C ASP A 74 0.31 -7.63 -4.12
N VAL A 75 0.07 -6.86 -5.16
CA VAL A 75 -0.86 -7.18 -6.22
C VAL A 75 -0.04 -7.36 -7.49
N PRO A 76 -0.29 -8.44 -8.26
CA PRO A 76 0.42 -8.64 -9.52
C PRO A 76 0.21 -7.47 -10.48
N SER A 77 1.22 -7.07 -11.25
CA SER A 77 1.07 -5.95 -12.16
C SER A 77 0.11 -6.29 -13.29
N VAL A 78 0.04 -7.54 -13.72
CA VAL A 78 -0.83 -7.96 -14.81
C VAL A 78 -1.76 -9.11 -14.34
N MET A 79 -3.03 -9.15 -14.80
CA MET A 79 -3.92 -10.26 -14.46
C MET A 79 -3.39 -11.52 -15.15
N LYS A 80 -3.19 -12.50 -14.27
CA LYS A 80 -2.74 -13.78 -14.86
C LYS A 80 -3.83 -14.32 -15.79
N ARG B 4 7.53 14.19 -13.75
CA ARG B 4 6.07 14.09 -13.75
C ARG B 4 5.33 14.54 -12.47
N CYS B 5 5.93 15.36 -11.60
CA CYS B 5 5.22 15.81 -10.41
C CYS B 5 4.00 16.66 -10.77
N PRO B 6 2.83 16.37 -10.18
CA PRO B 6 1.66 17.25 -10.41
C PRO B 6 1.86 18.60 -9.73
N ASN B 7 1.06 19.57 -10.12
CA ASN B 7 1.08 20.88 -9.54
C ASN B 7 0.11 20.95 -8.36
N PRO B 8 0.28 21.92 -7.45
CA PRO B 8 -0.70 22.11 -6.36
C PRO B 8 -2.14 22.24 -6.88
N GLY B 9 -3.05 21.47 -6.31
CA GLY B 9 -4.43 21.47 -6.75
C GLY B 9 -4.75 20.41 -7.78
N ASP B 10 -3.73 19.79 -8.39
CA ASP B 10 -3.94 18.70 -9.34
C ASP B 10 -4.07 17.40 -8.58
N ALA B 11 -4.82 16.45 -9.15
CA ALA B 11 -4.98 15.13 -8.54
C ALA B 11 -3.62 14.40 -8.52
N PHE B 12 -3.32 13.69 -7.43
CA PHE B 12 -2.09 12.94 -7.35
C PHE B 12 -2.45 11.51 -7.72
N GLU B 13 -2.07 11.11 -8.95
CA GLU B 13 -2.43 9.83 -9.53
C GLU B 13 -1.26 8.89 -9.58
N CYS B 14 -1.31 7.82 -8.80
CA CYS B 14 -0.22 6.89 -8.66
C CYS B 14 -0.72 5.50 -8.43
N PHE B 15 -0.26 4.54 -9.24
CA PHE B 15 -0.63 3.14 -9.04
C PHE B 15 0.41 2.51 -8.09
N GLU B 16 -0.02 2.14 -6.88
CA GLU B 16 0.90 1.52 -5.91
C GLU B 16 1.39 0.11 -6.33
N SER B 17 2.70 -0.13 -6.31
CA SER B 17 3.25 -1.45 -6.61
C SER B 17 4.01 -2.07 -5.45
N ASP B 18 4.17 -1.36 -4.30
CA ASP B 18 4.96 -1.87 -3.19
C ASP B 18 4.59 -1.08 -1.94
N ALA B 19 3.38 -1.35 -1.44
CA ALA B 19 2.80 -0.65 -0.30
C ALA B 19 3.59 -0.78 1.00
N THR B 20 4.26 -1.90 1.20
CA THR B 20 5.01 -2.14 2.43
C THR B 20 6.49 -1.75 2.35
N ALA B 21 6.95 -1.18 1.22
CA ALA B 21 8.35 -0.75 1.15
C ALA B 21 8.55 0.46 2.06
N ARG B 22 9.56 0.42 2.89
CA ARG B 22 9.90 1.52 3.80
C ARG B 22 10.91 2.41 3.09
N PHE B 23 10.79 3.72 3.27
CA PHE B 23 11.77 4.68 2.71
C PHE B 23 12.08 5.74 3.77
N CYS B 24 13.37 6.05 3.98
CA CYS B 24 13.79 7.11 4.87
C CYS B 24 13.96 8.31 3.94
N VAL B 25 13.06 9.28 4.04
CA VAL B 25 13.13 10.45 3.15
C VAL B 25 13.67 11.65 3.92
N SER B 26 14.21 12.62 3.20
CA SER B 26 14.85 13.76 3.81
C SER B 26 14.67 15.02 2.96
N GLY B 27 14.26 16.09 3.61
CA GLY B 27 14.16 17.45 3.07
C GLY B 27 14.73 18.48 4.04
N LYS B 28 14.56 19.78 3.77
CA LYS B 28 15.12 20.82 4.66
C LYS B 28 14.61 20.72 6.14
N ARG B 29 13.35 20.35 6.34
CA ARG B 29 12.76 20.21 7.67
C ARG B 29 13.27 18.95 8.42
N GLY B 30 13.78 17.97 7.67
CA GLY B 30 14.26 16.75 8.27
C GLY B 30 13.88 15.44 7.61
N ALA B 31 14.33 14.41 8.29
CA ALA B 31 14.25 13.06 7.82
C ALA B 31 13.29 12.21 8.61
N TYR B 32 12.54 11.35 7.91
CA TYR B 32 11.55 10.49 8.54
C TYR B 32 11.24 9.29 7.64
N VAL B 33 10.60 8.26 8.20
CA VAL B 33 10.28 7.06 7.43
C VAL B 33 8.84 6.99 7.00
N ILE B 34 8.63 6.71 5.73
CA ILE B 34 7.30 6.53 5.17
C ILE B 34 7.19 5.12 4.55
N CYS B 35 5.95 4.69 4.26
CA CYS B 35 5.72 3.40 3.60
C CYS B 35 5.00 3.61 2.30
N SER B 36 5.29 2.79 1.30
CA SER B 36 4.73 2.75 -0.05
C SER B 36 5.48 3.66 -1.04
N LYS B 37 5.51 3.26 -2.32
CA LYS B 37 6.15 4.05 -3.36
C LYS B 37 5.35 5.30 -3.66
N CYS B 38 4.00 5.24 -3.58
CA CYS B 38 3.20 6.42 -3.86
C CYS B 38 3.43 7.49 -2.84
N ARG B 39 3.58 7.12 -1.55
CA ARG B 39 3.90 8.13 -0.49
C ARG B 39 5.32 8.69 -0.72
N ARG B 40 6.25 7.85 -1.22
CA ARG B 40 7.61 8.26 -1.53
C ARG B 40 7.59 9.32 -2.64
N LYS B 41 6.76 9.08 -3.67
CA LYS B 41 6.59 10.00 -4.80
C LYS B 41 5.97 11.28 -4.30
N TYR B 42 4.93 11.17 -3.45
CA TYR B 42 4.28 12.31 -2.87
C TYR B 42 5.24 13.16 -2.04
N GLU B 43 6.08 12.55 -1.19
CA GLU B 43 7.02 13.31 -0.37
C GLU B 43 7.99 14.13 -1.20
N PHE B 44 8.39 13.61 -2.35
CA PHE B 44 9.32 14.26 -3.25
C PHE B 44 8.66 15.48 -3.86
N CYS B 45 7.46 15.31 -4.45
CA CYS B 45 6.73 16.38 -5.11
C CYS B 45 6.25 17.46 -4.16
N ALA B 46 5.72 17.06 -3.00
CA ALA B 46 5.14 17.99 -2.04
C ALA B 46 6.13 18.59 -1.05
N ASN B 47 7.03 17.78 -0.51
CA ASN B 47 7.95 18.24 0.53
C ASN B 47 9.39 18.33 0.16
N GLY B 48 9.73 18.06 -1.10
CA GLY B 48 11.12 18.02 -1.55
C GLY B 48 11.95 16.96 -0.83
N ALA B 49 11.28 15.96 -0.28
CA ALA B 49 11.94 14.92 0.48
C ALA B 49 12.44 13.83 -0.46
N LYS B 50 13.73 13.60 -0.46
CA LYS B 50 14.37 12.59 -1.30
C LYS B 50 14.76 11.41 -0.49
N VAL B 51 14.90 10.23 -1.11
CA VAL B 51 15.32 9.03 -0.40
C VAL B 51 16.75 9.22 0.08
N SER B 52 16.99 9.06 1.40
CA SER B 52 18.34 9.26 1.94
C SER B 52 19.33 8.19 1.49
N LYS B 53 20.55 8.62 1.11
CA LYS B 53 21.63 7.72 0.73
C LYS B 53 22.36 7.09 1.93
N ARG B 54 22.20 7.67 3.13
CA ARG B 54 22.69 7.11 4.39
C ARG B 54 21.47 7.02 5.35
N PRO B 55 20.51 6.11 5.09
CA PRO B 55 19.27 6.08 5.87
C PRO B 55 19.40 5.73 7.35
N GLU B 56 20.36 4.90 7.70
CA GLU B 56 20.61 4.56 9.10
C GLU B 56 21.19 5.76 9.86
N VAL B 57 21.82 6.69 9.13
CA VAL B 57 22.39 7.91 9.63
C VAL B 57 21.27 8.96 9.80
N GLU B 58 20.41 9.13 8.80
CA GLU B 58 19.41 10.19 8.84
C GLU B 58 18.11 9.82 9.56
N CYS B 59 17.75 8.53 9.59
CA CYS B 59 16.51 8.13 10.27
C CYS B 59 16.78 7.39 11.61
N ARG B 60 16.97 6.08 11.59
CA ARG B 60 17.20 5.20 12.73
C ARG B 60 17.86 3.94 12.16
N ALA B 61 18.65 3.21 12.96
CA ALA B 61 19.28 1.96 12.49
C ALA B 61 18.20 0.95 12.02
N ASP B 62 17.08 0.87 12.76
CA ASP B 62 15.97 -0.02 12.45
C ASP B 62 14.93 0.59 11.49
N TRP B 63 15.32 1.57 10.65
CA TRP B 63 14.36 2.25 9.78
C TRP B 63 13.55 1.30 8.89
N ALA B 64 14.17 0.22 8.37
CA ALA B 64 13.47 -0.67 7.45
C ALA B 64 12.42 -1.57 8.11
N SER B 65 12.44 -1.69 9.45
CA SER B 65 11.49 -2.49 10.19
C SER B 65 10.30 -1.67 10.73
N THR B 66 10.32 -0.32 10.60
CA THR B 66 9.26 0.59 11.04
C THR B 66 7.88 0.08 10.62
N GLU B 67 6.93 0.01 11.57
CA GLU B 67 5.59 -0.48 11.27
C GLU B 67 4.90 0.49 10.33
N CYS B 68 4.30 -0.01 9.24
CA CYS B 68 3.55 0.85 8.31
C CYS B 68 2.19 1.10 8.89
N THR B 69 1.83 2.37 8.95
CA THR B 69 0.54 2.81 9.49
C THR B 69 -0.15 3.77 8.46
N SER B 70 -1.43 4.10 8.71
CA SER B 70 -2.22 5.07 7.94
C SER B 70 -1.45 6.42 7.84
N GLU B 71 -0.90 6.86 8.96
CA GLU B 71 -0.15 8.10 9.06
C GLU B 71 1.07 8.12 8.16
N ASN B 72 1.94 7.08 8.24
CA ASN B 72 3.17 7.12 7.43
C ASN B 72 3.02 6.49 6.05
N SER B 73 1.78 6.09 5.64
CA SER B 73 1.55 5.44 4.33
C SER B 73 0.59 6.18 3.40
N ASP B 74 -0.48 6.77 3.96
CA ASP B 74 -1.52 7.39 3.15
C ASP B 74 -1.06 8.61 2.40
N VAL B 75 -1.56 8.73 1.16
CA VAL B 75 -1.22 9.78 0.23
C VAL B 75 -2.47 10.61 -0.03
N PRO B 76 -2.34 11.93 0.00
CA PRO B 76 -3.51 12.77 -0.30
C PRO B 76 -3.98 12.59 -1.74
N SER B 77 -5.29 12.72 -1.98
CA SER B 77 -5.82 12.60 -3.33
C SER B 77 -5.41 13.80 -4.20
N VAL B 78 -5.22 14.99 -3.61
CA VAL B 78 -4.85 16.18 -4.36
C VAL B 78 -3.55 16.76 -3.81
N MET B 79 -2.66 17.15 -4.73
CA MET B 79 -1.35 17.73 -4.45
C MET B 79 -1.47 19.08 -3.71
N LYS B 80 -0.68 18.95 -2.66
CA LYS B 80 -0.64 20.23 -1.90
C LYS B 80 0.56 21.05 -2.38
#